data_1UKG
#
_entry.id   1UKG
#
_cell.length_a   56.820
_cell.length_b   83.670
_cell.length_c   123.000
_cell.angle_alpha   90.00
_cell.angle_beta   90.00
_cell.angle_gamma   90.00
#
_symmetry.space_group_name_H-M   'P 21 21 21'
#
loop_
_entity.id
_entity.type
_entity.pdbx_description
1 polymer lectin
2 non-polymer 'methyl alpha-D-mannopyranoside'
3 non-polymer 'MANGANESE (II) ION'
4 non-polymer 'CALCIUM ION'
5 water water
#
_entity_poly.entity_id   1
_entity_poly.type   'polypeptide(L)'
_entity_poly.pdbx_seq_one_letter_code
;(PCA)DSLSFGFPTFPSDQKNLIFQGDAQIKNNAVQLTKTDSNGNPVASTVGRILFSAQVHLWEKSSSRVANFQSQFSFS
LKSPLSNGADGIAFFIAPPDTTIPSGSGGGLLGLFAPGTAQNTSANQVIAVEFDTFYAQDSNTWDPNYPHIGIDVNSIRS
VKTVKWDRRDGQSLNVLVTFNPSTRNLDVVATYSDGTRYEVSYEVDVRSVLPEWVRVGFSAASGEQYQTHTLESWSFTST
LLYTAQKKGENLALEM
;
_entity_poly.pdbx_strand_id   A,B
#
# COMPACT_ATOMS: atom_id res chain seq x y z
N ASP A 2 -5.67 8.25 4.35
CA ASP A 2 -6.47 9.17 3.55
C ASP A 2 -5.92 9.21 2.13
N SER A 3 -4.61 8.94 2.00
CA SER A 3 -3.97 8.96 0.69
C SER A 3 -3.11 7.73 0.49
N LEU A 4 -3.05 7.25 -0.74
CA LEU A 4 -2.27 6.07 -1.07
C LEU A 4 -1.80 6.18 -2.51
N SER A 5 -0.55 5.82 -2.77
CA SER A 5 -0.07 5.84 -4.15
C SER A 5 1.00 4.76 -4.30
N PHE A 6 1.09 4.20 -5.49
CA PHE A 6 2.10 3.18 -5.77
C PHE A 6 2.41 3.21 -7.25
N GLY A 7 3.61 2.81 -7.61
CA GLY A 7 3.99 2.82 -9.00
C GLY A 7 4.79 1.62 -9.41
N PHE A 8 4.38 1.00 -10.52
CA PHE A 8 5.06 -0.16 -11.09
C PHE A 8 5.54 0.22 -12.49
N PRO A 9 6.78 0.71 -12.63
CA PRO A 9 7.30 1.09 -13.94
C PRO A 9 7.39 -0.16 -14.82
N THR A 10 7.68 -1.29 -14.16
CA THR A 10 7.77 -2.59 -14.80
C THR A 10 7.31 -3.58 -13.73
N PHE A 11 7.25 -4.86 -14.08
CA PHE A 11 6.82 -5.88 -13.14
C PHE A 11 7.81 -7.03 -12.93
N PRO A 12 8.80 -6.84 -12.05
CA PRO A 12 9.79 -7.90 -11.77
C PRO A 12 9.09 -9.14 -11.22
N SER A 13 9.73 -10.30 -11.35
CA SER A 13 9.14 -11.56 -10.91
C SER A 13 8.87 -11.68 -9.41
N ASP A 14 9.68 -11.03 -8.57
CA ASP A 14 9.48 -11.10 -7.13
C ASP A 14 8.48 -10.07 -6.63
N GLN A 15 7.20 -10.38 -6.73
CA GLN A 15 6.15 -9.47 -6.26
C GLN A 15 5.66 -9.88 -4.89
N LYS A 16 5.30 -8.90 -4.06
CA LYS A 16 4.82 -9.19 -2.71
C LYS A 16 3.44 -8.62 -2.42
N ASN A 17 3.08 -7.53 -3.11
CA ASN A 17 1.80 -6.86 -2.88
C ASN A 17 0.73 -7.05 -3.94
N LEU A 18 0.86 -8.09 -4.76
CA LEU A 18 -0.14 -8.35 -5.78
C LEU A 18 -0.87 -9.65 -5.54
N ILE A 19 -2.19 -9.60 -5.68
CA ILE A 19 -3.02 -10.78 -5.52
C ILE A 19 -3.27 -11.29 -6.93
N PHE A 20 -2.80 -12.50 -7.21
CA PHE A 20 -2.98 -13.11 -8.53
C PHE A 20 -4.17 -14.06 -8.51
N GLN A 21 -5.07 -13.90 -9.47
CA GLN A 21 -6.24 -14.76 -9.55
C GLN A 21 -6.31 -15.37 -10.95
N GLY A 22 -6.81 -16.60 -11.05
CA GLY A 22 -6.90 -17.24 -12.34
C GLY A 22 -5.54 -17.57 -12.93
N ASP A 23 -5.37 -17.30 -14.22
CA ASP A 23 -4.13 -17.61 -14.91
C ASP A 23 -3.08 -16.50 -14.96
N ALA A 24 -3.32 -15.39 -14.26
CA ALA A 24 -2.37 -14.29 -14.26
C ALA A 24 -1.01 -14.64 -13.68
N GLN A 25 0.06 -14.19 -14.35
CA GLN A 25 1.41 -14.45 -13.87
C GLN A 25 2.42 -13.48 -14.49
N ILE A 26 3.56 -13.32 -13.83
CA ILE A 26 4.60 -12.43 -14.32
C ILE A 26 5.54 -13.14 -15.30
N LYS A 27 5.80 -12.50 -16.42
CA LYS A 27 6.70 -13.03 -17.44
C LYS A 27 7.39 -11.88 -18.17
N ASN A 28 8.71 -11.92 -18.22
CA ASN A 28 9.49 -10.89 -18.90
C ASN A 28 9.18 -9.48 -18.39
N ASN A 29 9.19 -9.30 -17.07
CA ASN A 29 8.93 -8.02 -16.45
C ASN A 29 7.57 -7.39 -16.76
N ALA A 30 6.60 -8.20 -17.13
CA ALA A 30 5.26 -7.72 -17.42
C ALA A 30 4.25 -8.72 -16.88
N VAL A 31 3.02 -8.26 -16.66
CA VAL A 31 1.99 -9.16 -16.15
C VAL A 31 1.19 -9.73 -17.32
N GLN A 32 1.21 -11.05 -17.46
CA GLN A 32 0.46 -11.74 -18.50
C GLN A 32 -0.84 -12.15 -17.84
N LEU A 33 -1.91 -11.40 -18.10
CA LEU A 33 -3.19 -11.70 -17.50
C LEU A 33 -3.79 -13.02 -17.98
N THR A 34 -3.62 -13.32 -19.26
CA THR A 34 -4.13 -14.56 -19.81
C THR A 34 -3.02 -15.55 -20.12
N LYS A 35 -3.35 -16.83 -20.01
CA LYS A 35 -2.39 -17.92 -20.23
C LYS A 35 -1.73 -17.95 -21.61
N THR A 36 -0.46 -18.34 -21.63
CA THR A 36 0.31 -18.44 -22.86
C THR A 36 1.06 -19.77 -22.80
N ASP A 37 1.43 -20.30 -23.96
CA ASP A 37 2.15 -21.57 -24.01
C ASP A 37 3.64 -21.35 -23.74
N SER A 38 4.42 -22.42 -23.84
CA SER A 38 5.86 -22.37 -23.61
C SER A 38 6.58 -21.37 -24.50
N ASN A 39 6.06 -21.18 -25.71
CA ASN A 39 6.68 -20.24 -26.66
C ASN A 39 6.09 -18.83 -26.62
N GLY A 40 5.25 -18.57 -25.62
CA GLY A 40 4.67 -17.23 -25.48
C GLY A 40 3.41 -16.92 -26.27
N ASN A 41 2.86 -17.90 -26.96
CA ASN A 41 1.65 -17.68 -27.75
C ASN A 41 0.39 -17.83 -26.90
N PRO A 42 -0.62 -16.98 -27.16
CA PRO A 42 -1.88 -17.01 -26.43
C PRO A 42 -2.67 -18.29 -26.67
N VAL A 43 -3.49 -18.67 -25.69
CA VAL A 43 -4.30 -19.88 -25.79
C VAL A 43 -5.75 -19.52 -25.50
N ALA A 44 -6.66 -20.39 -25.93
CA ALA A 44 -8.09 -20.16 -25.71
C ALA A 44 -8.50 -20.56 -24.30
N SER A 45 -9.68 -20.11 -23.90
CA SER A 45 -10.24 -20.42 -22.59
C SER A 45 -9.29 -20.14 -21.43
N THR A 46 -9.13 -18.85 -21.13
CA THR A 46 -8.25 -18.45 -20.04
C THR A 46 -8.73 -17.13 -19.45
N VAL A 47 -8.66 -17.03 -18.13
CA VAL A 47 -9.06 -15.83 -17.41
C VAL A 47 -8.01 -15.55 -16.35
N GLY A 48 -7.68 -14.28 -16.15
CA GLY A 48 -6.70 -13.93 -15.14
C GLY A 48 -6.91 -12.50 -14.65
N ARG A 49 -6.60 -12.26 -13.38
CA ARG A 49 -6.77 -10.93 -12.82
C ARG A 49 -5.70 -10.68 -11.77
N ILE A 50 -5.44 -9.40 -11.48
CA ILE A 50 -4.50 -9.04 -10.43
C ILE A 50 -5.13 -7.89 -9.67
N LEU A 51 -4.83 -7.79 -8.37
CA LEU A 51 -5.37 -6.72 -7.55
C LEU A 51 -4.24 -6.27 -6.62
N PHE A 52 -4.19 -4.99 -6.31
CA PHE A 52 -3.15 -4.54 -5.38
C PHE A 52 -3.65 -5.01 -4.01
N SER A 53 -2.73 -5.46 -3.16
CA SER A 53 -3.11 -5.97 -1.84
C SER A 53 -3.73 -4.96 -0.88
N ALA A 54 -3.16 -3.76 -0.80
CA ALA A 54 -3.69 -2.76 0.10
C ALA A 54 -5.05 -2.24 -0.37
N GLN A 55 -5.98 -2.09 0.56
CA GLN A 55 -7.31 -1.59 0.25
C GLN A 55 -7.29 -0.07 0.10
N VAL A 56 -8.09 0.42 -0.84
CA VAL A 56 -8.18 1.86 -1.10
C VAL A 56 -9.41 2.44 -0.44
N HIS A 57 -9.23 3.56 0.27
CA HIS A 57 -10.37 4.21 0.92
C HIS A 57 -10.99 5.15 -0.12
N LEU A 58 -12.03 4.65 -0.79
CA LEU A 58 -12.71 5.39 -1.85
C LEU A 58 -13.60 6.53 -1.34
N TRP A 59 -14.29 6.30 -0.23
CA TRP A 59 -15.13 7.34 0.35
C TRP A 59 -15.34 7.07 1.83
N GLU A 60 -15.61 8.13 2.58
CA GLU A 60 -15.79 8.01 4.01
C GLU A 60 -17.12 8.62 4.42
N LYS A 61 -18.04 7.78 4.88
CA LYS A 61 -19.37 8.20 5.29
C LYS A 61 -19.38 9.21 6.44
N SER A 62 -18.46 9.04 7.40
CA SER A 62 -18.40 9.93 8.56
C SER A 62 -18.01 11.38 8.24
N SER A 63 -17.03 11.55 7.35
CA SER A 63 -16.56 12.88 7.00
C SER A 63 -17.17 13.42 5.72
N SER A 64 -17.93 12.58 5.03
CA SER A 64 -18.58 12.96 3.78
C SER A 64 -17.56 13.26 2.68
N ARG A 65 -16.39 12.63 2.76
CA ARG A 65 -15.35 12.83 1.76
C ARG A 65 -15.37 11.73 0.71
N VAL A 66 -14.91 12.07 -0.49
CA VAL A 66 -14.84 11.10 -1.58
C VAL A 66 -13.45 11.27 -2.18
N ALA A 67 -12.83 10.16 -2.56
CA ALA A 67 -11.50 10.21 -3.12
C ALA A 67 -11.40 10.63 -4.57
N ASN A 68 -10.34 11.35 -4.90
CA ASN A 68 -10.09 11.72 -6.27
C ASN A 68 -8.99 10.72 -6.57
N PHE A 69 -9.07 10.00 -7.67
CA PHE A 69 -8.02 9.04 -7.96
C PHE A 69 -7.60 9.09 -9.41
N GLN A 70 -6.40 8.59 -9.67
CA GLN A 70 -5.86 8.56 -11.01
C GLN A 70 -5.13 7.25 -11.19
N SER A 71 -5.37 6.59 -12.31
CA SER A 71 -4.73 5.33 -12.61
C SER A 71 -4.13 5.45 -14.00
N GLN A 72 -2.83 5.25 -14.10
CA GLN A 72 -2.13 5.32 -15.37
C GLN A 72 -1.53 3.96 -15.65
N PHE A 73 -1.73 3.45 -16.85
CA PHE A 73 -1.19 2.15 -17.19
C PHE A 73 -1.02 1.98 -18.70
N SER A 74 -0.27 0.96 -19.09
CA SER A 74 -0.06 0.70 -20.50
C SER A 74 -0.13 -0.81 -20.69
N PHE A 75 -0.69 -1.23 -21.82
CA PHE A 75 -0.79 -2.64 -22.11
C PHE A 75 -0.66 -2.85 -23.61
N SER A 76 -0.42 -4.09 -24.01
CA SER A 76 -0.34 -4.42 -25.42
C SER A 76 -1.05 -5.75 -25.62
N LEU A 77 -1.62 -5.93 -26.81
CA LEU A 77 -2.34 -7.14 -27.14
C LEU A 77 -1.66 -7.75 -28.37
N LYS A 78 -1.48 -9.06 -28.37
CA LYS A 78 -0.84 -9.73 -29.50
C LYS A 78 -1.56 -11.04 -29.83
N SER A 79 -1.71 -11.32 -31.12
CA SER A 79 -2.39 -12.54 -31.53
C SER A 79 -2.00 -12.96 -32.94
N PRO A 80 -1.74 -14.25 -33.13
CA PRO A 80 -1.36 -14.83 -34.43
C PRO A 80 -2.52 -14.63 -35.40
N LEU A 81 -3.72 -14.52 -34.83
CA LEU A 81 -4.94 -14.31 -35.60
C LEU A 81 -5.04 -12.83 -35.93
N SER A 82 -6.27 -12.31 -35.91
CA SER A 82 -6.54 -10.91 -36.17
C SER A 82 -7.76 -10.56 -35.34
N ASN A 83 -8.62 -11.56 -35.17
CA ASN A 83 -9.85 -11.42 -34.40
C ASN A 83 -9.54 -11.73 -32.94
N GLY A 84 -8.50 -11.08 -32.40
CA GLY A 84 -8.13 -11.31 -31.02
C GLY A 84 -9.26 -11.02 -30.05
N ALA A 85 -9.36 -11.82 -29.00
CA ALA A 85 -10.41 -11.65 -27.99
C ALA A 85 -9.82 -12.01 -26.63
N ASP A 86 -10.47 -11.58 -25.54
CA ASP A 86 -11.70 -10.80 -25.55
C ASP A 86 -11.53 -9.36 -25.10
N GLY A 87 -10.46 -9.09 -24.37
CA GLY A 87 -10.23 -7.73 -23.91
C GLY A 87 -9.66 -7.66 -22.51
N ILE A 88 -9.28 -6.47 -22.11
CA ILE A 88 -8.70 -6.24 -20.80
C ILE A 88 -9.47 -5.11 -20.14
N ALA A 89 -9.53 -5.12 -18.81
CA ALA A 89 -10.26 -4.08 -18.10
C ALA A 89 -9.61 -3.69 -16.79
N PHE A 90 -9.65 -2.40 -16.50
CA PHE A 90 -9.15 -1.88 -15.24
C PHE A 90 -10.44 -1.87 -14.41
N PHE A 91 -10.40 -2.37 -13.18
CA PHE A 91 -11.63 -2.36 -12.39
C PHE A 91 -11.45 -2.05 -10.91
N ILE A 92 -12.56 -1.66 -10.29
CA ILE A 92 -12.61 -1.32 -8.88
C ILE A 92 -13.78 -2.13 -8.33
N ALA A 93 -13.54 -2.84 -7.23
CA ALA A 93 -14.58 -3.69 -6.65
C ALA A 93 -14.34 -3.91 -5.16
N PRO A 94 -15.30 -4.55 -4.48
CA PRO A 94 -15.14 -4.82 -3.04
C PRO A 94 -13.86 -5.62 -2.86
N PRO A 95 -13.20 -5.49 -1.70
CA PRO A 95 -11.96 -6.18 -1.39
C PRO A 95 -11.91 -7.70 -1.53
N ASP A 96 -13.05 -8.36 -1.29
CA ASP A 96 -13.07 -9.82 -1.37
C ASP A 96 -13.44 -10.38 -2.74
N THR A 97 -13.45 -9.52 -3.75
CA THR A 97 -13.82 -9.96 -5.10
C THR A 97 -12.95 -11.11 -5.61
N THR A 98 -13.59 -12.05 -6.30
CA THR A 98 -12.92 -13.21 -6.88
C THR A 98 -13.54 -13.43 -8.25
N ILE A 99 -12.88 -14.24 -9.08
CA ILE A 99 -13.39 -14.52 -10.42
C ILE A 99 -14.72 -15.27 -10.34
N PRO A 100 -15.81 -14.68 -10.87
CA PRO A 100 -17.13 -15.30 -10.86
C PRO A 100 -17.15 -16.56 -11.72
N SER A 101 -17.96 -17.53 -11.32
CA SER A 101 -18.07 -18.78 -12.07
C SER A 101 -18.64 -18.52 -13.47
N GLY A 102 -17.95 -19.03 -14.49
CA GLY A 102 -18.39 -18.86 -15.86
C GLY A 102 -18.29 -17.43 -16.39
N SER A 103 -17.28 -16.68 -15.92
CA SER A 103 -17.12 -15.30 -16.35
C SER A 103 -16.07 -15.13 -17.45
N GLY A 104 -15.75 -16.22 -18.14
CA GLY A 104 -14.76 -16.17 -19.20
C GLY A 104 -15.23 -15.47 -20.47
N GLY A 105 -14.39 -15.50 -21.48
CA GLY A 105 -14.74 -14.88 -22.76
C GLY A 105 -15.16 -13.44 -22.66
N GLY A 106 -16.31 -13.14 -23.27
CA GLY A 106 -16.84 -11.78 -23.30
C GLY A 106 -17.25 -11.15 -21.98
N LEU A 107 -17.26 -11.92 -20.91
CA LEU A 107 -17.62 -11.37 -19.60
C LEU A 107 -16.39 -10.83 -18.91
N LEU A 108 -15.25 -10.98 -19.59
CA LEU A 108 -13.96 -10.45 -19.13
C LEU A 108 -13.50 -10.83 -17.73
N GLY A 109 -14.07 -11.89 -17.17
CA GLY A 109 -13.69 -12.31 -15.83
C GLY A 109 -14.25 -11.40 -14.76
N LEU A 110 -15.21 -10.58 -15.14
CA LEU A 110 -15.82 -9.62 -14.21
C LEU A 110 -17.26 -9.90 -13.80
N PHE A 111 -18.04 -10.54 -14.67
CA PHE A 111 -19.43 -10.81 -14.33
C PHE A 111 -19.84 -12.25 -14.49
N ALA A 112 -20.89 -12.63 -13.75
CA ALA A 112 -21.44 -13.97 -13.82
C ALA A 112 -22.47 -13.95 -14.94
N PRO A 113 -22.55 -15.04 -15.72
CA PRO A 113 -23.51 -15.11 -16.83
C PRO A 113 -24.94 -14.71 -16.51
N GLY A 114 -25.49 -15.32 -15.46
CA GLY A 114 -26.86 -15.03 -15.08
C GLY A 114 -27.19 -13.63 -14.59
N THR A 115 -26.18 -12.88 -14.19
CA THR A 115 -26.40 -11.52 -13.68
C THR A 115 -25.56 -10.46 -14.36
N ALA A 116 -24.91 -10.83 -15.47
CA ALA A 116 -24.04 -9.92 -16.21
C ALA A 116 -24.66 -8.56 -16.56
N GLN A 117 -25.98 -8.52 -16.79
CA GLN A 117 -26.63 -7.27 -17.14
C GLN A 117 -27.61 -6.78 -16.08
N ASN A 118 -27.53 -7.36 -14.88
CA ASN A 118 -28.40 -6.98 -13.77
C ASN A 118 -27.61 -6.01 -12.91
N THR A 119 -27.90 -4.71 -13.05
CA THR A 119 -27.18 -3.68 -12.31
C THR A 119 -27.35 -3.71 -10.80
N SER A 120 -28.45 -4.25 -10.30
CA SER A 120 -28.68 -4.30 -8.86
C SER A 120 -28.05 -5.55 -8.22
N ALA A 121 -27.41 -6.36 -9.04
CA ALA A 121 -26.79 -7.60 -8.55
C ALA A 121 -25.26 -7.54 -8.56
N ASN A 122 -24.69 -6.42 -8.99
CA ASN A 122 -23.24 -6.28 -9.05
C ASN A 122 -22.73 -5.02 -8.35
N GLN A 123 -21.43 -5.04 -8.04
CA GLN A 123 -20.74 -3.92 -7.41
C GLN A 123 -19.38 -3.84 -8.08
N VAL A 124 -19.31 -3.15 -9.21
CA VAL A 124 -18.06 -3.04 -9.93
C VAL A 124 -18.10 -1.89 -10.92
N ILE A 125 -16.97 -1.20 -11.02
CA ILE A 125 -16.83 -0.11 -11.98
C ILE A 125 -15.59 -0.54 -12.75
N ALA A 126 -15.71 -0.55 -14.07
CA ALA A 126 -14.57 -0.98 -14.89
C ALA A 126 -14.47 -0.19 -16.17
N VAL A 127 -13.25 -0.13 -16.70
CA VAL A 127 -12.99 0.54 -17.96
C VAL A 127 -12.47 -0.59 -18.81
N GLU A 128 -13.25 -0.96 -19.81
CA GLU A 128 -12.89 -2.08 -20.68
C GLU A 128 -12.35 -1.68 -22.04
N PHE A 129 -11.44 -2.50 -22.55
CA PHE A 129 -10.86 -2.33 -23.88
C PHE A 129 -11.26 -3.65 -24.53
N ASP A 130 -12.41 -3.57 -25.20
CA ASP A 130 -13.08 -4.72 -25.83
C ASP A 130 -12.77 -4.90 -27.30
N THR A 131 -12.15 -6.02 -27.66
CA THR A 131 -11.76 -6.28 -29.04
C THR A 131 -12.65 -7.28 -29.79
N PHE A 132 -13.59 -7.90 -29.11
CA PHE A 132 -14.46 -8.89 -29.74
C PHE A 132 -15.92 -8.49 -29.54
N TYR A 133 -16.66 -8.38 -30.64
CA TYR A 133 -18.05 -7.95 -30.56
C TYR A 133 -19.08 -8.74 -31.35
N ALA A 134 -18.76 -9.98 -31.70
CA ALA A 134 -19.70 -10.82 -32.46
C ALA A 134 -21.07 -10.75 -31.76
N GLN A 135 -22.08 -10.33 -32.53
CA GLN A 135 -23.43 -10.17 -32.00
C GLN A 135 -24.16 -11.44 -31.55
N ASP A 136 -23.60 -12.62 -31.83
CA ASP A 136 -24.26 -13.85 -31.41
C ASP A 136 -23.87 -14.23 -29.98
N SER A 137 -22.62 -13.95 -29.61
CA SER A 137 -22.12 -14.25 -28.27
C SER A 137 -22.03 -13.01 -27.37
N ASN A 138 -21.65 -11.86 -27.95
CA ASN A 138 -21.57 -10.63 -27.18
C ASN A 138 -22.71 -9.70 -27.60
N THR A 139 -23.94 -10.14 -27.34
CA THR A 139 -25.14 -9.39 -27.73
C THR A 139 -25.27 -7.99 -27.17
N TRP A 140 -24.53 -7.70 -26.10
CA TRP A 140 -24.57 -6.41 -25.43
C TRP A 140 -23.64 -5.36 -26.03
N ASP A 141 -22.72 -5.79 -26.90
CA ASP A 141 -21.75 -4.88 -27.50
C ASP A 141 -22.16 -4.15 -28.77
N PRO A 142 -21.58 -2.96 -28.99
CA PRO A 142 -21.86 -2.16 -30.18
C PRO A 142 -21.11 -2.99 -31.24
N ASN A 143 -21.43 -2.82 -32.52
CA ASN A 143 -20.81 -3.64 -33.54
C ASN A 143 -19.44 -3.16 -34.05
N TYR A 144 -18.49 -3.00 -33.14
CA TYR A 144 -17.13 -2.56 -33.48
C TYR A 144 -16.27 -2.52 -32.22
N PRO A 145 -14.93 -2.61 -32.37
CA PRO A 145 -14.04 -2.57 -31.21
C PRO A 145 -14.29 -1.28 -30.45
N HIS A 146 -14.16 -1.31 -29.13
CA HIS A 146 -14.47 -0.13 -28.35
C HIS A 146 -13.88 -0.08 -26.95
N ILE A 147 -13.85 1.12 -26.39
CA ILE A 147 -13.42 1.31 -25.02
C ILE A 147 -14.74 1.64 -24.33
N GLY A 148 -15.00 1.05 -23.19
CA GLY A 148 -16.25 1.34 -22.52
C GLY A 148 -16.13 1.50 -21.03
N ILE A 149 -17.10 2.20 -20.45
CA ILE A 149 -17.15 2.38 -19.01
C ILE A 149 -18.30 1.48 -18.55
N ASP A 150 -17.98 0.56 -17.66
CA ASP A 150 -18.95 -0.40 -17.14
C ASP A 150 -19.30 -0.11 -15.69
N VAL A 151 -20.58 0.06 -15.42
CA VAL A 151 -21.05 0.32 -14.05
C VAL A 151 -22.09 -0.75 -13.72
N ASN A 152 -21.64 -1.77 -13.00
CA ASN A 152 -22.48 -2.90 -12.57
C ASN A 152 -23.11 -3.73 -13.69
N SER A 153 -22.55 -3.64 -14.90
CA SER A 153 -23.07 -4.41 -16.02
C SER A 153 -22.04 -4.54 -17.12
N ILE A 154 -22.10 -5.64 -17.86
CA ILE A 154 -21.17 -5.84 -18.96
C ILE A 154 -21.61 -4.99 -20.16
N ARG A 155 -22.83 -4.46 -20.10
CA ARG A 155 -23.33 -3.59 -21.17
C ARG A 155 -22.92 -2.18 -20.74
N SER A 156 -21.84 -1.69 -21.34
CA SER A 156 -21.28 -0.37 -21.01
C SER A 156 -22.31 0.77 -21.02
N VAL A 157 -22.17 1.69 -20.07
CA VAL A 157 -23.07 2.83 -20.01
C VAL A 157 -22.60 3.89 -21.00
N LYS A 158 -21.36 3.76 -21.47
CA LYS A 158 -20.81 4.71 -22.43
C LYS A 158 -19.65 4.04 -23.15
N THR A 159 -19.56 4.23 -24.47
CA THR A 159 -18.48 3.64 -25.25
C THR A 159 -17.98 4.61 -26.30
N VAL A 160 -16.80 4.32 -26.83
CA VAL A 160 -16.22 5.11 -27.90
C VAL A 160 -15.55 4.11 -28.83
N LYS A 161 -15.66 4.33 -30.13
CA LYS A 161 -15.03 3.42 -31.07
C LYS A 161 -13.53 3.45 -30.86
N TRP A 162 -12.91 2.27 -30.90
CA TRP A 162 -11.48 2.14 -30.68
C TRP A 162 -10.84 1.24 -31.74
N ASP A 163 -9.54 1.41 -31.97
CA ASP A 163 -8.82 0.62 -32.96
C ASP A 163 -7.80 -0.29 -32.27
N ARG A 164 -7.90 -1.59 -32.55
CA ARG A 164 -6.96 -2.56 -31.97
C ARG A 164 -5.72 -2.59 -32.85
N ARG A 165 -4.55 -2.46 -32.24
CA ARG A 165 -3.29 -2.51 -32.98
C ARG A 165 -2.42 -3.59 -32.38
N ASP A 166 -2.29 -4.70 -33.09
CA ASP A 166 -1.51 -5.84 -32.62
C ASP A 166 -0.08 -5.44 -32.24
N GLY A 167 0.32 -5.79 -31.03
CA GLY A 167 1.67 -5.51 -30.57
C GLY A 167 2.05 -4.09 -30.16
N GLN A 168 1.14 -3.13 -30.32
CA GLN A 168 1.44 -1.75 -29.94
C GLN A 168 0.88 -1.41 -28.57
N SER A 169 1.71 -0.78 -27.75
CA SER A 169 1.29 -0.39 -26.40
C SER A 169 0.34 0.79 -26.41
N LEU A 170 -0.71 0.70 -25.60
CA LEU A 170 -1.68 1.77 -25.48
C LEU A 170 -1.48 2.38 -24.09
N ASN A 171 -1.28 3.68 -24.03
CA ASN A 171 -1.10 4.37 -22.75
C ASN A 171 -2.46 4.89 -22.32
N VAL A 172 -2.84 4.59 -21.08
CA VAL A 172 -4.15 5.00 -20.59
C VAL A 172 -4.11 5.78 -19.28
N LEU A 173 -4.97 6.79 -19.20
CA LEU A 173 -5.07 7.60 -18.00
C LEU A 173 -6.56 7.58 -17.61
N VAL A 174 -6.85 7.10 -16.41
CA VAL A 174 -8.23 7.06 -15.91
C VAL A 174 -8.24 7.96 -14.68
N THR A 175 -9.13 8.93 -14.66
CA THR A 175 -9.20 9.85 -13.53
C THR A 175 -10.63 10.02 -13.05
N PHE A 176 -10.80 10.19 -11.74
CA PHE A 176 -12.11 10.42 -11.17
C PHE A 176 -12.03 11.69 -10.32
N ASN A 177 -12.90 12.64 -10.62
CA ASN A 177 -12.94 13.91 -9.90
C ASN A 177 -14.22 13.92 -9.06
N PRO A 178 -14.09 13.86 -7.73
CA PRO A 178 -15.27 13.86 -6.84
C PRO A 178 -16.08 15.15 -6.88
N SER A 179 -15.44 16.24 -7.30
CA SER A 179 -16.11 17.54 -7.37
C SER A 179 -17.18 17.56 -8.46
N THR A 180 -16.85 16.98 -9.61
CA THR A 180 -17.77 16.93 -10.75
C THR A 180 -18.36 15.54 -10.94
N ARG A 181 -17.79 14.56 -10.26
CA ARG A 181 -18.23 13.17 -10.35
C ARG A 181 -17.97 12.55 -11.72
N ASN A 182 -17.06 13.14 -12.47
CA ASN A 182 -16.72 12.60 -13.77
C ASN A 182 -15.58 11.61 -13.76
N LEU A 183 -15.79 10.47 -14.43
CA LEU A 183 -14.78 9.43 -14.57
C LEU A 183 -14.34 9.65 -15.99
N ASP A 184 -13.10 10.08 -16.19
CA ASP A 184 -12.58 10.36 -17.53
C ASP A 184 -11.54 9.35 -17.93
N VAL A 185 -11.58 8.97 -19.20
CA VAL A 185 -10.63 8.01 -19.74
C VAL A 185 -9.98 8.59 -20.99
N VAL A 186 -8.66 8.57 -21.01
CA VAL A 186 -7.89 9.06 -22.15
C VAL A 186 -6.89 7.98 -22.52
N ALA A 187 -6.94 7.50 -23.76
CA ALA A 187 -6.04 6.46 -24.21
C ALA A 187 -5.33 6.92 -25.46
N THR A 188 -4.02 6.67 -25.54
CA THR A 188 -3.26 7.11 -26.69
C THR A 188 -2.19 6.13 -27.14
N TYR A 189 -2.00 6.07 -28.46
CA TYR A 189 -0.95 5.23 -29.03
C TYR A 189 0.26 6.15 -29.18
N SER A 190 1.44 5.57 -29.36
CA SER A 190 2.66 6.37 -29.47
C SER A 190 2.65 7.41 -30.59
N ASP A 191 1.86 7.19 -31.64
CA ASP A 191 1.82 8.15 -32.74
C ASP A 191 0.91 9.34 -32.47
N GLY A 192 0.29 9.37 -31.29
CA GLY A 192 -0.58 10.47 -30.95
C GLY A 192 -2.06 10.20 -31.15
N THR A 193 -2.41 9.03 -31.69
CA THR A 193 -3.82 8.72 -31.90
C THR A 193 -4.44 8.66 -30.51
N ARG A 194 -5.52 9.41 -30.32
CA ARG A 194 -6.15 9.54 -29.01
C ARG A 194 -7.63 9.14 -28.98
N TYR A 195 -8.05 8.56 -27.84
CA TYR A 195 -9.44 8.17 -27.67
C TYR A 195 -9.89 8.68 -26.31
N GLU A 196 -11.10 9.22 -26.23
CA GLU A 196 -11.59 9.76 -24.97
C GLU A 196 -13.04 9.38 -24.72
N VAL A 197 -13.35 9.07 -23.46
CA VAL A 197 -14.72 8.74 -23.09
C VAL A 197 -14.86 9.10 -21.62
N SER A 198 -16.01 9.64 -21.25
CA SER A 198 -16.23 10.03 -19.87
C SER A 198 -17.67 9.77 -19.48
N TYR A 199 -17.91 9.71 -18.17
CA TYR A 199 -19.24 9.47 -17.67
C TYR A 199 -19.34 9.96 -16.23
N GLU A 200 -20.50 10.50 -15.88
CA GLU A 200 -20.72 11.01 -14.53
C GLU A 200 -21.31 9.91 -13.67
N VAL A 201 -20.64 9.59 -12.56
CA VAL A 201 -21.10 8.55 -11.67
C VAL A 201 -20.76 8.85 -10.22
N ASP A 202 -21.71 8.60 -9.33
CA ASP A 202 -21.51 8.82 -7.90
C ASP A 202 -21.02 7.48 -7.38
N VAL A 203 -19.71 7.37 -7.15
CA VAL A 203 -19.14 6.12 -6.67
C VAL A 203 -19.72 5.66 -5.34
N ARG A 204 -20.19 6.61 -4.53
CA ARG A 204 -20.77 6.27 -3.24
C ARG A 204 -22.00 5.38 -3.32
N SER A 205 -22.75 5.48 -4.40
CA SER A 205 -23.96 4.67 -4.56
C SER A 205 -23.71 3.36 -5.30
N VAL A 206 -22.46 3.11 -5.66
CA VAL A 206 -22.11 1.89 -6.40
C VAL A 206 -21.15 0.97 -5.65
N LEU A 207 -20.17 1.56 -4.98
CA LEU A 207 -19.16 0.78 -4.26
C LEU A 207 -19.07 1.09 -2.76
N PRO A 208 -18.57 0.13 -1.97
CA PRO A 208 -18.43 0.30 -0.53
C PRO A 208 -17.32 1.33 -0.26
N GLU A 209 -17.15 1.73 1.00
CA GLU A 209 -16.15 2.72 1.37
C GLU A 209 -14.73 2.26 1.07
N TRP A 210 -14.44 0.97 1.28
CA TRP A 210 -13.11 0.44 0.98
C TRP A 210 -13.20 -0.52 -0.19
N VAL A 211 -12.23 -0.42 -1.09
CA VAL A 211 -12.24 -1.26 -2.28
C VAL A 211 -10.84 -1.72 -2.65
N ARG A 212 -10.77 -2.55 -3.68
CA ARG A 212 -9.49 -2.98 -4.21
C ARG A 212 -9.52 -2.65 -5.70
N VAL A 213 -8.35 -2.34 -6.26
CA VAL A 213 -8.27 -1.99 -7.67
C VAL A 213 -7.35 -2.98 -8.36
N GLY A 214 -7.59 -3.21 -9.65
CA GLY A 214 -6.77 -4.15 -10.38
C GLY A 214 -7.15 -4.28 -11.84
N PHE A 215 -6.75 -5.38 -12.45
CA PHE A 215 -7.04 -5.62 -13.87
C PHE A 215 -7.55 -7.03 -14.09
N SER A 216 -8.32 -7.19 -15.16
CA SER A 216 -8.88 -8.49 -15.50
C SER A 216 -8.82 -8.64 -17.02
N ALA A 217 -8.68 -9.86 -17.50
CA ALA A 217 -8.64 -10.12 -18.93
C ALA A 217 -9.09 -11.55 -19.15
N ALA A 218 -9.60 -11.82 -20.35
CA ALA A 218 -10.07 -13.16 -20.67
C ALA A 218 -10.04 -13.42 -22.15
N SER A 219 -10.02 -14.71 -22.50
CA SER A 219 -10.04 -15.17 -23.88
C SER A 219 -10.95 -16.39 -23.90
N GLY A 220 -11.97 -16.36 -24.76
CA GLY A 220 -12.88 -17.49 -24.88
C GLY A 220 -12.39 -18.34 -26.04
N GLU A 221 -13.21 -18.52 -27.08
CA GLU A 221 -12.77 -19.30 -28.23
C GLU A 221 -11.73 -18.56 -29.08
N GLN A 222 -11.76 -17.24 -29.04
CA GLN A 222 -10.76 -16.46 -29.76
C GLN A 222 -9.80 -16.00 -28.70
N TYR A 223 -8.54 -15.76 -29.08
CA TYR A 223 -7.54 -15.40 -28.10
C TYR A 223 -6.50 -14.37 -28.54
N GLN A 224 -5.78 -13.87 -27.55
CA GLN A 224 -4.73 -12.88 -27.71
C GLN A 224 -4.11 -12.72 -26.33
N THR A 225 -2.88 -12.23 -26.28
CA THR A 225 -2.24 -12.01 -24.99
C THR A 225 -2.75 -10.66 -24.48
N HIS A 226 -2.80 -10.51 -23.15
CA HIS A 226 -3.23 -9.26 -22.54
C HIS A 226 -2.10 -8.92 -21.57
N THR A 227 -1.12 -8.20 -22.10
CA THR A 227 0.09 -7.84 -21.37
C THR A 227 0.08 -6.46 -20.72
N LEU A 228 0.05 -6.44 -19.38
CA LEU A 228 0.07 -5.21 -18.61
C LEU A 228 1.54 -4.87 -18.39
N GLU A 229 1.97 -3.74 -18.95
CA GLU A 229 3.37 -3.34 -18.90
C GLU A 229 3.79 -2.41 -17.77
N SER A 230 2.89 -1.52 -17.35
CA SER A 230 3.21 -0.60 -16.28
C SER A 230 1.91 -0.13 -15.64
N TRP A 231 2.01 0.36 -14.41
CA TRP A 231 0.83 0.81 -13.69
C TRP A 231 1.17 1.69 -12.50
N SER A 232 0.51 2.84 -12.41
CA SER A 232 0.71 3.74 -11.27
C SER A 232 -0.70 4.13 -10.82
N PHE A 233 -0.86 4.35 -9.52
CA PHE A 233 -2.16 4.69 -8.98
C PHE A 233 -2.01 5.61 -7.78
N THR A 234 -2.92 6.58 -7.67
CA THR A 234 -2.88 7.50 -6.55
C THR A 234 -4.33 7.87 -6.19
N SER A 235 -4.63 7.91 -4.90
CA SER A 235 -5.96 8.29 -4.46
C SER A 235 -5.83 9.17 -3.23
N THR A 236 -6.69 10.18 -3.13
CA THR A 236 -6.64 11.11 -2.00
C THR A 236 -8.07 11.50 -1.62
N LEU A 237 -8.44 11.31 -0.36
CA LEU A 237 -9.79 11.69 0.08
C LEU A 237 -9.87 13.21 0.11
N LEU A 238 -10.93 13.76 -0.48
CA LEU A 238 -11.13 15.20 -0.50
C LEU A 238 -12.53 15.63 -0.09
N TYR A 239 -12.62 16.85 0.42
CA TYR A 239 -13.89 17.46 0.81
C TYR A 239 -14.29 18.33 -0.37
N THR A 240 -15.53 18.19 -0.83
CA THR A 240 -16.05 18.99 -1.94
C THR A 240 -17.44 19.49 -1.53
N ALA A 241 -17.68 20.79 -1.70
N ASP B 2 7.97 -0.01 -7.26
CA ASP B 2 9.23 0.72 -7.05
C ASP B 2 8.98 1.88 -6.10
N SER B 3 7.77 2.41 -6.13
CA SER B 3 7.42 3.53 -5.27
C SER B 3 6.12 3.26 -4.50
N LEU B 4 6.08 3.74 -3.27
CA LEU B 4 4.91 3.54 -2.41
C LEU B 4 4.81 4.70 -1.43
N SER B 5 3.60 5.19 -1.22
CA SER B 5 3.41 6.26 -0.25
C SER B 5 2.02 6.15 0.32
N PHE B 6 1.86 6.61 1.56
CA PHE B 6 0.57 6.61 2.21
C PHE B 6 0.59 7.66 3.31
N GLY B 7 -0.58 8.19 3.62
CA GLY B 7 -0.65 9.21 4.65
C GLY B 7 -1.85 9.06 5.56
N PHE B 8 -1.57 9.16 6.86
CA PHE B 8 -2.61 9.08 7.88
C PHE B 8 -2.59 10.39 8.67
N PRO B 9 -3.35 11.41 8.25
CA PRO B 9 -3.36 12.67 9.00
C PRO B 9 -3.91 12.43 10.40
N THR B 10 -4.80 11.44 10.50
CA THR B 10 -5.40 10.99 11.76
C THR B 10 -5.64 9.50 11.58
N PHE B 11 -6.13 8.84 12.62
CA PHE B 11 -6.39 7.40 12.58
C PHE B 11 -7.82 7.01 12.96
N PRO B 12 -8.76 7.07 11.99
CA PRO B 12 -10.16 6.71 12.26
C PRO B 12 -10.21 5.25 12.69
N SER B 13 -11.22 4.87 13.48
CA SER B 13 -11.34 3.51 13.96
C SER B 13 -11.52 2.46 12.86
N ASP B 14 -11.97 2.89 11.69
CA ASP B 14 -12.18 1.96 10.59
C ASP B 14 -10.91 1.78 9.75
N GLN B 15 -10.01 0.93 10.21
CA GLN B 15 -8.76 0.66 9.52
C GLN B 15 -8.74 -0.69 8.82
N LYS B 16 -8.11 -0.75 7.65
CA LYS B 16 -8.03 -1.99 6.87
C LYS B 16 -6.60 -2.40 6.54
N ASN B 17 -5.70 -1.43 6.47
CA ASN B 17 -4.31 -1.71 6.10
C ASN B 17 -3.27 -1.67 7.20
N LEU B 18 -3.71 -1.82 8.44
CA LEU B 18 -2.78 -1.84 9.56
C LEU B 18 -2.81 -3.19 10.24
N ILE B 19 -1.63 -3.70 10.55
CA ILE B 19 -1.49 -4.97 11.25
C ILE B 19 -1.28 -4.57 12.71
N PHE B 20 -2.19 -4.98 13.58
CA PHE B 20 -2.10 -4.66 15.01
C PHE B 20 -1.51 -5.84 15.75
N GLN B 21 -0.49 -5.58 16.58
CA GLN B 21 0.13 -6.64 17.36
C GLN B 21 0.11 -6.23 18.83
N GLY B 22 -0.02 -7.21 19.71
CA GLY B 22 -0.04 -6.89 21.12
C GLY B 22 -1.29 -6.13 21.53
N ASP B 23 -1.11 -5.12 22.38
CA ASP B 23 -2.22 -4.32 22.88
C ASP B 23 -2.60 -3.11 22.05
N ALA B 24 -1.90 -2.89 20.95
CA ALA B 24 -2.18 -1.72 20.11
C ALA B 24 -3.63 -1.67 19.61
N GLN B 25 -4.22 -0.49 19.64
CA GLN B 25 -5.57 -0.32 19.14
C GLN B 25 -5.89 1.16 18.92
N ILE B 26 -6.92 1.42 18.14
CA ILE B 26 -7.34 2.78 17.84
C ILE B 26 -8.31 3.32 18.88
N LYS B 27 -8.06 4.55 19.32
CA LYS B 27 -8.92 5.23 20.27
C LYS B 27 -8.84 6.72 20.05
N ASN B 28 -9.98 7.37 19.93
CA ASN B 28 -10.04 8.82 19.72
C ASN B 28 -9.19 9.29 18.53
N ASN B 29 -9.37 8.63 17.40
CA ASN B 29 -8.66 8.97 16.16
C ASN B 29 -7.14 8.92 16.24
N ALA B 30 -6.62 8.16 17.18
CA ALA B 30 -5.18 8.00 17.35
C ALA B 30 -4.87 6.56 17.68
N VAL B 31 -3.62 6.16 17.47
CA VAL B 31 -3.23 4.80 17.79
C VAL B 31 -2.64 4.78 19.20
N GLN B 32 -3.26 3.99 20.07
CA GLN B 32 -2.74 3.84 21.43
C GLN B 32 -1.93 2.57 21.36
N LEU B 33 -0.60 2.70 21.32
CA LEU B 33 0.26 1.53 21.22
C LEU B 33 0.22 0.66 22.47
N THR B 34 0.21 1.29 23.64
CA THR B 34 0.15 0.55 24.88
C THR B 34 -1.23 0.63 25.50
N LYS B 35 -1.58 -0.41 26.27
CA LYS B 35 -2.88 -0.52 26.90
C LYS B 35 -3.22 0.59 27.88
N THR B 36 -4.49 0.97 27.88
CA THR B 36 -5.01 2.01 28.78
C THR B 36 -6.32 1.47 29.35
N ASP B 37 -6.62 1.81 30.59
CA ASP B 37 -7.87 1.34 31.20
C ASP B 37 -9.07 2.07 30.61
N SER B 38 -10.24 1.84 31.20
CA SER B 38 -11.48 2.46 30.73
C SER B 38 -11.46 3.99 30.79
N ASN B 39 -10.63 4.54 31.66
CA ASN B 39 -10.51 5.99 31.82
C ASN B 39 -9.42 6.58 30.94
N GLY B 40 -8.72 5.74 30.19
CA GLY B 40 -7.69 6.23 29.30
C GLY B 40 -6.32 6.38 29.95
N ASN B 41 -6.21 5.87 31.15
CA ASN B 41 -4.97 5.94 31.92
C ASN B 41 -4.06 4.76 31.56
N PRO B 42 -2.73 4.97 31.49
CA PRO B 42 -1.75 3.93 31.17
C PRO B 42 -1.64 2.88 32.29
N VAL B 43 -1.32 1.64 31.92
CA VAL B 43 -1.18 0.57 32.89
C VAL B 43 0.18 -0.10 32.63
N ALA B 44 0.68 -0.82 33.63
CA ALA B 44 1.96 -1.49 33.49
C ALA B 44 1.86 -2.79 32.69
N SER B 45 3.02 -3.33 32.33
CA SER B 45 3.13 -4.59 31.59
C SER B 45 2.30 -4.66 30.32
N THR B 46 2.64 -3.81 29.35
CA THR B 46 1.93 -3.80 28.09
C THR B 46 2.89 -3.55 26.94
N VAL B 47 2.59 -4.15 25.79
CA VAL B 47 3.42 -3.99 24.60
C VAL B 47 2.47 -3.98 23.42
N GLY B 48 2.74 -3.12 22.44
CA GLY B 48 1.90 -3.06 21.27
C GLY B 48 2.68 -2.53 20.09
N ARG B 49 2.32 -2.96 18.88
CA ARG B 49 2.99 -2.51 17.67
C ARG B 49 1.99 -2.45 16.53
N ILE B 50 2.30 -1.65 15.52
CA ILE B 50 1.46 -1.60 14.33
C ILE B 50 2.40 -1.60 13.14
N LEU B 51 1.96 -2.18 12.04
CA LEU B 51 2.76 -2.23 10.82
C LEU B 51 1.83 -1.94 9.65
N PHE B 52 2.36 -1.31 8.61
CA PHE B 52 1.52 -1.08 7.45
C PHE B 52 1.49 -2.43 6.74
N SER B 53 0.34 -2.81 6.21
CA SER B 53 0.21 -4.12 5.57
C SER B 53 1.05 -4.34 4.32
N ALA B 54 1.08 -3.36 3.42
CA ALA B 54 1.86 -3.51 2.20
C ALA B 54 3.35 -3.53 2.48
N GLN B 55 4.06 -4.43 1.82
CA GLN B 55 5.50 -4.53 2.01
C GLN B 55 6.22 -3.46 1.21
N VAL B 56 7.31 -2.94 1.76
CA VAL B 56 8.10 -1.90 1.11
C VAL B 56 9.34 -2.50 0.46
N HIS B 57 9.58 -2.15 -0.80
CA HIS B 57 10.75 -2.68 -1.49
C HIS B 57 11.90 -1.73 -1.15
N LEU B 58 12.67 -2.12 -0.13
CA LEU B 58 13.79 -1.32 0.37
C LEU B 58 14.99 -1.29 -0.57
N TRP B 59 15.32 -2.42 -1.18
CA TRP B 59 16.43 -2.46 -2.14
C TRP B 59 16.25 -3.62 -3.10
N GLU B 60 16.90 -3.54 -4.25
CA GLU B 60 16.77 -4.58 -5.25
C GLU B 60 18.14 -5.03 -5.74
N LYS B 61 18.51 -6.25 -5.35
CA LYS B 61 19.80 -6.82 -5.70
C LYS B 61 20.06 -6.85 -7.20
N SER B 62 19.07 -7.30 -7.98
CA SER B 62 19.21 -7.40 -9.43
C SER B 62 19.49 -6.07 -10.14
N SER B 63 18.87 -4.99 -9.68
CA SER B 63 19.05 -3.69 -10.31
C SER B 63 20.04 -2.78 -9.59
N SER B 64 20.56 -3.25 -8.46
CA SER B 64 21.52 -2.46 -7.69
C SER B 64 20.92 -1.14 -7.20
N ARG B 65 19.62 -1.12 -6.95
CA ARG B 65 18.96 0.09 -6.47
C ARG B 65 18.65 -0.01 -4.98
N VAL B 66 18.56 1.16 -4.34
CA VAL B 66 18.24 1.25 -2.92
C VAL B 66 17.22 2.38 -2.78
N ALA B 67 16.26 2.19 -1.88
CA ALA B 67 15.22 3.18 -1.71
C ALA B 67 15.56 4.42 -0.90
N ASN B 68 14.96 5.52 -1.33
CA ASN B 68 15.08 6.80 -0.65
C ASN B 68 13.73 6.83 0.05
N PHE B 69 13.70 6.95 1.37
CA PHE B 69 12.41 6.98 2.05
C PHE B 69 12.34 8.09 3.07
N GLN B 70 11.12 8.49 3.39
CA GLN B 70 10.88 9.54 4.38
C GLN B 70 9.68 9.13 5.20
N SER B 71 9.78 9.27 6.51
CA SER B 71 8.69 8.92 7.41
C SER B 71 8.48 10.11 8.32
N GLN B 72 7.30 10.71 8.28
CA GLN B 72 6.97 11.86 9.11
C GLN B 72 5.87 11.41 10.05
N PHE B 73 6.01 11.71 11.33
CA PHE B 73 4.98 11.30 12.28
C PHE B 73 5.00 12.15 13.54
N SER B 74 3.92 12.08 14.30
CA SER B 74 3.84 12.83 15.55
C SER B 74 3.25 11.92 16.62
N PHE B 75 3.72 12.08 17.84
CA PHE B 75 3.22 11.27 18.95
C PHE B 75 3.29 12.09 20.23
N SER B 76 2.60 11.62 21.26
CA SER B 76 2.64 12.28 22.55
C SER B 76 2.65 11.20 23.62
N LEU B 77 3.29 11.49 24.75
CA LEU B 77 3.40 10.56 25.86
C LEU B 77 2.79 11.23 27.08
N LYS B 78 2.07 10.47 27.89
CA LYS B 78 1.45 11.05 29.08
C LYS B 78 1.46 10.04 30.23
N SER B 79 1.83 10.51 31.42
CA SER B 79 1.87 9.65 32.59
C SER B 79 1.82 10.45 33.88
N PRO B 80 1.05 9.98 34.87
CA PRO B 80 0.95 10.67 36.16
C PRO B 80 2.23 10.45 36.98
N LEU B 81 3.03 9.46 36.57
CA LEU B 81 4.28 9.13 37.28
C LEU B 81 5.41 10.10 36.93
N SER B 82 6.40 10.21 37.81
CA SER B 82 7.54 11.09 37.56
C SER B 82 8.51 10.43 36.59
N ASN B 83 8.39 9.12 36.41
CA ASN B 83 9.29 8.40 35.51
C ASN B 83 8.56 7.47 34.53
N GLY B 84 7.79 8.06 33.63
CA GLY B 84 7.05 7.29 32.64
C GLY B 84 7.98 6.44 31.80
N ALA B 85 7.51 5.24 31.44
CA ALA B 85 8.30 4.29 30.66
C ALA B 85 7.40 3.53 29.70
N ASP B 86 7.98 2.88 28.68
CA ASP B 86 9.42 2.84 28.42
C ASP B 86 9.86 3.62 27.19
N GLY B 87 8.95 3.83 26.24
CA GLY B 87 9.30 4.56 25.05
C GLY B 87 8.62 4.02 23.81
N ILE B 88 8.75 4.77 22.71
CA ILE B 88 8.15 4.41 21.44
C ILE B 88 9.23 4.39 20.38
N ALA B 89 9.05 3.56 19.36
CA ALA B 89 10.04 3.49 18.30
C ALA B 89 9.43 3.29 16.93
N PHE B 90 10.05 3.92 15.93
CA PHE B 90 9.66 3.74 14.54
C PHE B 90 10.63 2.66 14.11
N PHE B 91 10.16 1.61 13.44
CA PHE B 91 11.10 0.57 13.03
C PHE B 91 10.85 -0.03 11.65
N ILE B 92 11.89 -0.67 11.15
CA ILE B 92 11.86 -1.33 9.85
C ILE B 92 12.38 -2.74 10.10
N ALA B 93 11.64 -3.75 9.68
CA ALA B 93 12.05 -5.12 9.91
C ALA B 93 11.52 -6.06 8.84
N PRO B 94 11.90 -7.35 8.90
CA PRO B 94 11.41 -8.31 7.92
C PRO B 94 9.89 -8.36 7.99
N PRO B 95 9.22 -8.65 6.86
CA PRO B 95 7.76 -8.71 6.76
C PRO B 95 7.02 -9.57 7.78
N ASP B 96 7.64 -10.67 8.20
CA ASP B 96 7.00 -11.58 9.15
C ASP B 96 7.31 -11.29 10.61
N THR B 97 7.83 -10.10 10.91
CA THR B 97 8.18 -9.73 12.27
C THR B 97 6.99 -9.78 13.24
N THR B 98 7.22 -10.32 14.43
CA THR B 98 6.19 -10.41 15.46
C THR B 98 6.85 -10.00 16.77
N ILE B 99 6.04 -9.73 17.79
CA ILE B 99 6.57 -9.34 19.08
C ILE B 99 7.35 -10.50 19.69
N PRO B 100 8.65 -10.28 19.97
CA PRO B 100 9.52 -11.31 20.55
C PRO B 100 9.09 -11.66 21.97
N SER B 101 9.23 -12.93 22.34
CA SER B 101 8.87 -13.36 23.68
C SER B 101 9.73 -12.64 24.72
N GLY B 102 9.08 -12.03 25.70
CA GLY B 102 9.80 -11.31 26.75
C GLY B 102 10.44 -10.00 26.30
N SER B 103 9.90 -9.40 25.25
CA SER B 103 10.43 -8.15 24.72
C SER B 103 9.83 -6.91 25.37
N GLY B 104 9.16 -7.09 26.50
CA GLY B 104 8.53 -5.96 27.17
C GLY B 104 9.49 -4.97 27.81
N GLY B 105 8.92 -3.97 28.45
CA GLY B 105 9.71 -2.95 29.12
C GLY B 105 10.76 -2.25 28.28
N GLY B 106 11.99 -2.23 28.81
CA GLY B 106 13.09 -1.58 28.13
C GLY B 106 13.49 -2.14 26.79
N LEU B 107 12.99 -3.32 26.42
CA LEU B 107 13.33 -3.89 25.12
C LEU B 107 12.38 -3.35 24.04
N LEU B 108 11.44 -2.51 24.46
CA LEU B 108 10.50 -1.84 23.56
C LEU B 108 9.70 -2.69 22.57
N GLY B 109 9.53 -3.97 22.88
CA GLY B 109 8.78 -4.84 21.99
C GLY B 109 9.53 -5.15 20.70
N LEU B 110 10.83 -4.83 20.69
CA LEU B 110 11.66 -5.05 19.50
C LEU B 110 12.68 -6.18 19.62
N PHE B 111 13.17 -6.44 20.83
CA PHE B 111 14.18 -7.49 21.00
C PHE B 111 13.85 -8.52 22.07
N ALA B 112 14.45 -9.69 21.93
CA ALA B 112 14.30 -10.78 22.90
C ALA B 112 15.45 -10.57 23.87
N PRO B 113 15.23 -10.84 25.16
CA PRO B 113 16.26 -10.68 26.20
C PRO B 113 17.61 -11.34 25.91
N GLY B 114 17.57 -12.59 25.49
CA GLY B 114 18.79 -13.32 25.22
C GLY B 114 19.69 -12.80 24.11
N THR B 115 19.10 -12.09 23.15
CA THR B 115 19.88 -11.57 22.02
C THR B 115 19.75 -10.06 21.80
N ALA B 116 19.16 -9.36 22.76
CA ALA B 116 18.95 -7.92 22.66
C ALA B 116 20.18 -7.11 22.28
N GLN B 117 21.37 -7.60 22.60
CA GLN B 117 22.58 -6.87 22.26
C GLN B 117 23.49 -7.63 21.31
N ASN B 118 22.95 -8.64 20.65
CA ASN B 118 23.72 -9.44 19.70
C ASN B 118 23.34 -9.01 18.29
N THR B 119 24.16 -8.16 17.68
CA THR B 119 23.87 -7.66 16.35
C THR B 119 23.77 -8.72 15.26
N SER B 120 24.36 -9.89 15.48
CA SER B 120 24.29 -10.94 14.47
C SER B 120 23.00 -11.75 14.58
N ALA B 121 22.22 -11.52 15.63
CA ALA B 121 20.98 -12.26 15.82
C ALA B 121 19.72 -11.46 15.51
N ASN B 122 19.88 -10.24 15.02
CA ASN B 122 18.72 -9.40 14.73
C ASN B 122 18.76 -8.76 13.35
N GLN B 123 17.59 -8.36 12.87
CA GLN B 123 17.44 -7.67 11.60
C GLN B 123 16.43 -6.57 11.84
N VAL B 124 16.90 -5.44 12.32
CA VAL B 124 16.02 -4.32 12.60
C VAL B 124 16.74 -3.00 12.70
N ILE B 125 16.10 -1.97 12.16
CA ILE B 125 16.62 -0.61 12.24
C ILE B 125 15.47 0.13 12.90
N ALA B 126 15.76 0.83 13.98
CA ALA B 126 14.72 1.56 14.68
C ALA B 126 15.22 2.89 15.21
N VAL B 127 14.30 3.83 15.33
CA VAL B 127 14.61 5.14 15.88
C VAL B 127 13.77 5.14 17.15
N GLU B 128 14.43 5.15 18.30
CA GLU B 128 13.73 5.12 19.59
C GLU B 128 13.70 6.46 20.32
N PHE B 129 12.62 6.65 21.08
CA PHE B 129 12.42 7.83 21.92
C PHE B 129 12.25 7.14 23.27
N ASP B 130 13.37 7.06 23.98
CA ASP B 130 13.51 6.33 25.22
C ASP B 130 13.43 7.22 26.46
N THR B 131 12.41 7.02 27.28
CA THR B 131 12.22 7.85 28.47
C THR B 131 12.64 7.21 29.79
N PHE B 132 13.00 5.94 29.76
CA PHE B 132 13.40 5.26 31.00
C PHE B 132 14.83 4.77 30.86
N TYR B 133 15.70 5.22 31.77
CA TYR B 133 17.12 4.88 31.68
C TYR B 133 17.78 4.43 32.99
N ALA B 134 17.01 3.90 33.93
CA ALA B 134 17.56 3.44 35.20
C ALA B 134 18.76 2.52 34.92
N GLN B 135 19.92 2.93 35.38
CA GLN B 135 21.16 2.19 35.15
C GLN B 135 21.19 0.77 35.75
N ASP B 136 20.21 0.43 36.57
CA ASP B 136 20.17 -0.89 37.19
C ASP B 136 19.44 -1.91 36.33
N SER B 137 18.48 -1.45 35.52
CA SER B 137 17.72 -2.34 34.66
C SER B 137 18.05 -2.11 33.18
N ASN B 138 18.07 -0.84 32.76
CA ASN B 138 18.42 -0.53 31.37
C ASN B 138 19.90 -0.18 31.36
N THR B 139 20.73 -1.18 31.61
CA THR B 139 22.19 -1.00 31.67
C THR B 139 22.86 -0.51 30.39
N TRP B 140 22.18 -0.72 29.27
CA TRP B 140 22.71 -0.31 27.96
C TRP B 140 22.48 1.17 27.65
N ASP B 141 21.59 1.81 28.38
CA ASP B 141 21.26 3.23 28.15
C ASP B 141 22.16 4.28 28.77
N PRO B 142 22.23 5.46 28.13
CA PRO B 142 23.02 6.57 28.64
C PRO B 142 22.16 7.01 29.84
N ASN B 143 22.71 7.78 30.77
CA ASN B 143 21.93 8.17 31.94
C ASN B 143 21.07 9.43 31.78
N TYR B 144 20.12 9.37 30.85
CA TYR B 144 19.21 10.49 30.59
C TYR B 144 18.28 10.11 29.44
N PRO B 145 17.11 10.79 29.35
CA PRO B 145 16.16 10.49 28.26
C PRO B 145 16.87 10.80 26.95
N HIS B 146 16.58 10.02 25.92
CA HIS B 146 17.30 10.21 24.68
C HIS B 146 16.59 9.69 23.43
N ILE B 147 17.07 10.18 22.28
CA ILE B 147 16.59 9.70 21.00
C ILE B 147 17.75 8.81 20.57
N GLY B 148 17.46 7.60 20.11
CA GLY B 148 18.54 6.73 19.70
C GLY B 148 18.29 6.03 18.38
N ILE B 149 19.38 5.70 17.69
CA ILE B 149 19.28 4.97 16.43
C ILE B 149 19.75 3.57 16.78
N ASP B 150 18.89 2.59 16.55
CA ASP B 150 19.17 1.20 16.87
C ASP B 150 19.36 0.38 15.61
N VAL B 151 20.50 -0.30 15.51
CA VAL B 151 20.77 -1.16 14.37
C VAL B 151 21.11 -2.54 14.92
N ASN B 152 20.13 -3.44 14.89
CA ASN B 152 20.26 -4.81 15.37
C ASN B 152 20.60 -4.98 16.84
N SER B 153 20.40 -3.94 17.64
CA SER B 153 20.68 -4.00 19.07
C SER B 153 19.91 -2.91 19.84
N ILE B 154 19.49 -3.24 21.06
CA ILE B 154 18.76 -2.30 21.92
C ILE B 154 19.77 -1.26 22.42
N ARG B 155 21.05 -1.59 22.25
CA ARG B 155 22.15 -0.69 22.63
C ARG B 155 22.39 0.21 21.41
N SER B 156 21.78 1.39 21.41
CA SER B 156 21.90 2.34 20.30
C SER B 156 23.31 2.59 19.78
N VAL B 157 23.45 2.66 18.47
CA VAL B 157 24.75 2.93 17.87
C VAL B 157 25.02 4.41 18.08
N LYS B 158 23.97 5.14 18.43
CA LYS B 158 24.10 6.57 18.64
C LYS B 158 22.90 7.15 19.37
N THR B 159 23.16 8.07 20.30
CA THR B 159 22.07 8.71 21.04
C THR B 159 22.37 10.20 21.21
N VAL B 160 21.32 10.99 21.43
CA VAL B 160 21.47 12.40 21.69
C VAL B 160 20.48 12.69 22.82
N LYS B 161 20.81 13.66 23.67
CA LYS B 161 19.94 13.99 24.78
C LYS B 161 18.62 14.53 24.27
N TRP B 162 17.54 14.15 24.95
CA TRP B 162 16.20 14.56 24.57
C TRP B 162 15.40 14.91 25.81
N ASP B 163 14.42 15.80 25.66
CA ASP B 163 13.59 16.19 26.79
C ASP B 163 12.20 15.61 26.60
N ARG B 164 11.71 14.90 27.62
CA ARG B 164 10.37 14.34 27.58
C ARG B 164 9.44 15.44 28.10
N ARG B 165 8.36 15.71 27.35
CA ARG B 165 7.40 16.73 27.76
C ARG B 165 6.03 16.07 27.78
N ASP B 166 5.49 15.92 28.99
CA ASP B 166 4.21 15.25 29.17
C ASP B 166 3.07 15.92 28.41
N GLY B 167 2.37 15.11 27.62
CA GLY B 167 1.23 15.61 26.86
C GLY B 167 1.49 16.51 25.67
N GLN B 168 2.74 16.74 25.32
CA GLN B 168 3.06 17.59 24.19
C GLN B 168 3.48 16.76 22.99
N SER B 169 2.94 17.09 21.82
CA SER B 169 3.26 16.35 20.62
C SER B 169 4.64 16.66 20.07
N LEU B 170 5.35 15.60 19.67
CA LEU B 170 6.67 15.75 19.08
C LEU B 170 6.50 15.39 17.61
N ASN B 171 6.96 16.25 16.70
CA ASN B 171 6.89 15.99 15.28
C ASN B 171 8.26 15.49 14.85
N VAL B 172 8.29 14.37 14.14
CA VAL B 172 9.55 13.76 13.74
C VAL B 172 9.62 13.47 12.24
N LEU B 173 10.80 13.68 11.66
CA LEU B 173 11.01 13.37 10.26
C LEU B 173 12.24 12.46 10.20
N VAL B 174 12.06 11.26 9.67
CA VAL B 174 13.17 10.31 9.53
C VAL B 174 13.38 10.13 8.03
N THR B 175 14.60 10.34 7.57
CA THR B 175 14.86 10.20 6.13
C THR B 175 16.11 9.36 5.90
N PHE B 176 16.14 8.69 4.75
CA PHE B 176 17.29 7.89 4.39
C PHE B 176 17.64 8.25 2.95
N ASN B 177 18.89 8.63 2.73
CA ASN B 177 19.36 9.00 1.40
C ASN B 177 20.35 7.90 0.99
N PRO B 178 20.00 7.08 -0.01
CA PRO B 178 20.86 6.00 -0.47
C PRO B 178 22.21 6.43 -1.06
N SER B 179 22.29 7.67 -1.53
CA SER B 179 23.52 8.19 -2.13
C SER B 179 24.61 8.37 -1.08
N THR B 180 24.22 8.92 0.08
CA THR B 180 25.15 9.17 1.17
C THR B 180 25.03 8.08 2.24
N ARG B 181 23.94 7.31 2.16
CA ARG B 181 23.65 6.26 3.13
C ARG B 181 23.40 6.84 4.51
N ASN B 182 23.01 8.11 4.54
CA ASN B 182 22.73 8.77 5.81
C ASN B 182 21.28 8.62 6.24
N LEU B 183 21.09 8.19 7.49
CA LEU B 183 19.76 8.07 8.07
C LEU B 183 19.71 9.28 8.98
N ASP B 184 18.86 10.25 8.65
CA ASP B 184 18.75 11.47 9.45
C ASP B 184 17.45 11.52 10.23
N VAL B 185 17.53 12.05 11.45
CA VAL B 185 16.35 12.19 12.29
C VAL B 185 16.28 13.63 12.78
N VAL B 186 15.11 14.26 12.61
CA VAL B 186 14.90 15.62 13.07
C VAL B 186 13.58 15.60 13.83
N ALA B 187 13.61 16.04 15.08
CA ALA B 187 12.41 16.05 15.91
C ALA B 187 12.22 17.43 16.50
N THR B 188 10.98 17.91 16.54
CA THR B 188 10.72 19.23 17.07
C THR B 188 9.45 19.30 17.93
N TYR B 189 9.47 20.18 18.92
CA TYR B 189 8.30 20.43 19.75
C TYR B 189 7.68 21.71 19.17
N SER B 190 6.44 21.99 19.53
CA SER B 190 5.73 23.16 18.98
C SER B 190 6.34 24.52 19.29
N ASP B 191 7.26 24.58 20.26
CA ASP B 191 7.88 25.86 20.60
C ASP B 191 9.19 26.07 19.83
N GLY B 192 9.49 25.15 18.91
CA GLY B 192 10.70 25.28 18.12
C GLY B 192 11.89 24.48 18.62
N THR B 193 11.79 23.88 19.81
CA THR B 193 12.90 23.10 20.35
C THR B 193 13.16 21.96 19.38
N ARG B 194 14.42 21.85 18.94
CA ARG B 194 14.81 20.88 17.92
C ARG B 194 15.89 19.90 18.37
N TYR B 195 15.81 18.67 17.89
CA TYR B 195 16.79 17.62 18.18
C TYR B 195 17.16 16.98 16.84
N GLU B 196 18.45 16.73 16.63
CA GLU B 196 18.91 16.14 15.38
C GLU B 196 19.98 15.09 15.63
N VAL B 197 19.93 14.01 14.85
CA VAL B 197 20.93 12.95 14.96
C VAL B 197 20.98 12.23 13.61
N SER B 198 22.19 11.86 13.20
CA SER B 198 22.37 11.19 11.91
C SER B 198 23.35 10.04 12.04
N TYR B 199 23.21 9.05 11.18
CA TYR B 199 24.09 7.89 11.20
C TYR B 199 24.21 7.30 9.81
N GLU B 200 25.42 6.87 9.44
CA GLU B 200 25.64 6.29 8.13
C GLU B 200 25.49 4.78 8.23
N VAL B 201 24.58 4.22 7.43
CA VAL B 201 24.34 2.79 7.46
C VAL B 201 23.91 2.26 6.09
N ASP B 202 24.48 1.13 5.69
CA ASP B 202 24.12 0.51 4.41
C ASP B 202 22.98 -0.44 4.78
N VAL B 203 21.75 -0.05 4.46
CA VAL B 203 20.61 -0.89 4.79
C VAL B 203 20.65 -2.27 4.14
N ARG B 204 21.36 -2.39 3.02
CA ARG B 204 21.45 -3.66 2.30
C ARG B 204 22.14 -4.76 3.11
N SER B 205 23.00 -4.37 4.05
CA SER B 205 23.71 -5.36 4.85
C SER B 205 23.01 -5.64 6.17
N VAL B 206 21.88 -4.99 6.40
CA VAL B 206 21.14 -5.18 7.64
C VAL B 206 19.75 -5.77 7.45
N LEU B 207 19.07 -5.36 6.38
CA LEU B 207 17.71 -5.80 6.11
C LEU B 207 17.50 -6.49 4.75
N PRO B 208 16.46 -7.33 4.66
CA PRO B 208 16.13 -8.05 3.41
C PRO B 208 15.59 -7.03 2.39
N GLU B 209 15.44 -7.45 1.14
CA GLU B 209 14.97 -6.57 0.08
C GLU B 209 13.57 -6.00 0.33
N TRP B 210 12.70 -6.82 0.89
CA TRP B 210 11.35 -6.38 1.21
C TRP B 210 11.16 -6.36 2.72
N VAL B 211 10.58 -5.27 3.21
CA VAL B 211 10.38 -5.10 4.64
C VAL B 211 9.02 -4.50 4.95
N ARG B 212 8.72 -4.40 6.24
CA ARG B 212 7.50 -3.74 6.66
C ARG B 212 7.96 -2.66 7.62
N VAL B 213 7.17 -1.59 7.70
CA VAL B 213 7.50 -0.49 8.57
C VAL B 213 6.38 -0.26 9.56
N GLY B 214 6.71 0.23 10.75
CA GLY B 214 5.69 0.47 11.74
C GLY B 214 6.24 1.10 13.00
N PHE B 215 5.48 0.96 14.10
CA PHE B 215 5.87 1.51 15.38
C PHE B 215 5.70 0.48 16.47
N SER B 216 6.48 0.64 17.53
CA SER B 216 6.42 -0.26 18.66
C SER B 216 6.56 0.58 19.93
N ALA B 217 5.96 0.11 21.02
CA ALA B 217 6.04 0.79 22.30
C ALA B 217 5.80 -0.23 23.39
N ALA B 218 6.28 0.05 24.58
CA ALA B 218 6.08 -0.85 25.70
C ALA B 218 6.22 -0.13 27.02
N SER B 219 5.67 -0.74 28.07
CA SER B 219 5.74 -0.24 29.45
C SER B 219 5.94 -1.47 30.33
N GLY B 220 6.92 -1.41 31.21
CA GLY B 220 7.19 -2.52 32.11
C GLY B 220 6.58 -2.17 33.46
N GLU B 221 7.42 -1.99 34.48
CA GLU B 221 6.92 -1.63 35.81
C GLU B 221 6.41 -0.19 35.84
N GLN B 222 7.09 0.70 35.11
CA GLN B 222 6.66 2.09 35.01
C GLN B 222 5.88 2.16 33.71
N TYR B 223 4.98 3.13 33.61
CA TYR B 223 4.12 3.26 32.44
C TYR B 223 3.79 4.69 32.01
N GLN B 224 3.25 4.79 30.79
CA GLN B 224 2.84 6.05 30.19
C GLN B 224 2.10 5.64 28.91
N THR B 225 1.26 6.52 28.40
CA THR B 225 0.57 6.23 27.15
C THR B 225 1.58 6.54 26.04
N HIS B 226 1.47 5.84 24.91
CA HIS B 226 2.34 6.09 23.76
C HIS B 226 1.34 6.25 22.63
N THR B 227 0.98 7.49 22.35
CA THR B 227 -0.04 7.81 21.36
C THR B 227 0.49 8.30 20.02
N LEU B 228 0.29 7.50 18.97
CA LEU B 228 0.72 7.89 17.62
C LEU B 228 -0.45 8.67 17.03
N GLU B 229 -0.19 9.94 16.73
CA GLU B 229 -1.21 10.86 16.23
C GLU B 229 -1.35 10.99 14.71
N SER B 230 -0.25 10.90 13.99
CA SER B 230 -0.29 11.01 12.53
C SER B 230 0.94 10.34 11.95
N TRP B 231 0.89 10.00 10.67
CA TRP B 231 2.01 9.33 10.03
C TRP B 231 1.91 9.35 8.51
N SER B 232 2.99 9.74 7.84
CA SER B 232 3.01 9.73 6.37
C SER B 232 4.34 9.05 6.02
N PHE B 233 4.33 8.27 4.95
CA PHE B 233 5.54 7.56 4.55
C PHE B 233 5.64 7.50 3.04
N THR B 234 6.85 7.62 2.53
CA THR B 234 7.06 7.53 1.10
C THR B 234 8.40 6.88 0.84
N SER B 235 8.45 6.03 -0.18
CA SER B 235 9.70 5.36 -0.54
C SER B 235 9.76 5.19 -2.05
N THR B 236 10.94 5.36 -2.62
CA THR B 236 11.13 5.21 -4.05
C THR B 236 12.51 4.62 -4.32
N LEU B 237 12.57 3.60 -5.17
CA LEU B 237 13.84 2.98 -5.50
C LEU B 237 14.66 3.87 -6.44
N LEU B 238 15.91 4.10 -6.08
CA LEU B 238 16.81 4.93 -6.88
C LEU B 238 18.11 4.23 -7.23
N TYR B 239 18.74 4.67 -8.32
CA TYR B 239 20.02 4.11 -8.76
C TYR B 239 21.12 4.60 -7.83
N THR B 240 21.97 3.69 -7.38
CA THR B 240 23.07 4.03 -6.49
C THR B 240 24.41 3.85 -7.18
N ALA B 241 25.20 4.92 -7.21
#